data_7KJB
#
_entry.id   7KJB
#
_cell.length_a   94.456
_cell.length_b   94.456
_cell.length_c   99.646
_cell.angle_alpha   90.000
_cell.angle_beta   90.000
_cell.angle_gamma   120.000
#
_symmetry.space_group_name_H-M   'P 32 2 1'
#
loop_
_entity.id
_entity.type
_entity.pdbx_description
1 polymer 'Ephrin type-A receptor 2'
2 non-polymer 'CESIUM ION'
3 water water
#
_entity_poly.entity_id   1
_entity_poly.type   'polypeptide(L)'
_entity_poly.pdbx_seq_one_letter_code
;GPGDPHTYEDPNQAVLKFTTEIHPSCVTRQKVIGAGEFGEVYKGMLKTSSGKKEVPVAIKTLKAGYTEKQRVDFLGEAGI
MGQFSHHNIIRLEGVISKYKPMMIITEYMENGALDKFLREKDGEFSVLQLVGMLRGIAAGMKYLANMNYVHRDLAARNIL
VNSNLVCKVSDFGLSRVLEDDPEATYTTSGGKIPIRWTAPEAISYRKFTSASDVWSFGIVMWEVMTYGERPYWELSNHEV
MKAINDGFRLPTPMDCPSAIYQLMMQCWQQERARRPKFADIVSILDKLIRAPDSLKTLADFDPRVSIRLPETSGEEGVPF
RTVSEWLESIKMQQYTEHFMAAGYTAIEKVVQMTNDDIKRIGVRLPGHQKRIAYSLLGLKDQVNTVGIPI
;
_entity_poly.pdbx_strand_id   A
#
# COMPACT_ATOMS: atom_id res chain seq x y z
N PRO A 5 5.98 -6.81 22.72
CA PRO A 5 6.27 -6.09 23.95
C PRO A 5 6.71 -4.65 23.69
N HIS A 6 7.63 -4.13 24.52
CA HIS A 6 8.13 -2.77 24.38
C HIS A 6 9.60 -2.74 23.96
N THR A 7 10.16 -3.88 23.53
CA THR A 7 11.56 -3.97 23.10
C THR A 7 11.83 -3.24 21.77
N TYR A 8 10.85 -2.54 21.22
CA TYR A 8 11.01 -1.81 19.98
C TYR A 8 11.13 -0.30 20.20
N GLU A 9 11.05 0.16 21.45
CA GLU A 9 11.05 1.58 21.75
C GLU A 9 12.28 2.04 22.52
N ASP A 10 13.16 1.12 22.91
CA ASP A 10 14.39 1.45 23.63
C ASP A 10 15.57 1.06 22.76
N PRO A 11 16.19 2.00 22.03
CA PRO A 11 17.27 1.61 21.11
C PRO A 11 18.48 1.03 21.81
N ASN A 12 18.92 1.63 22.92
CA ASN A 12 20.14 1.17 23.57
C ASN A 12 19.96 -0.23 24.14
N GLN A 13 18.83 -0.47 24.80
CA GLN A 13 18.53 -1.82 25.29
C GLN A 13 18.51 -2.82 24.14
N ALA A 14 17.92 -2.45 23.02
CA ALA A 14 17.87 -3.34 21.87
C ALA A 14 19.27 -3.64 21.34
N VAL A 15 20.12 -2.62 21.24
CA VAL A 15 21.49 -2.85 20.80
C VAL A 15 22.18 -3.82 21.73
N LEU A 16 22.04 -3.59 23.05
CA LEU A 16 22.68 -4.47 24.02
C LEU A 16 22.21 -5.91 23.86
N LYS A 17 20.91 -6.12 23.65
CA LYS A 17 20.35 -7.46 23.74
C LYS A 17 20.36 -8.24 22.43
N PHE A 18 20.21 -7.56 21.29
CA PHE A 18 19.86 -8.23 20.04
C PHE A 18 20.87 -7.97 18.91
N THR A 19 22.07 -7.51 19.24
CA THR A 19 23.10 -7.30 18.23
C THR A 19 24.38 -8.00 18.66
N THR A 20 25.23 -8.28 17.68
CA THR A 20 26.51 -8.94 17.89
C THR A 20 27.62 -7.95 17.57
N GLU A 21 28.45 -7.66 18.56
CA GLU A 21 29.56 -6.75 18.33
C GLU A 21 30.59 -7.43 17.45
N ILE A 22 30.84 -6.87 16.27
CA ILE A 22 31.81 -7.40 15.31
C ILE A 22 33.09 -6.58 15.43
N HIS A 23 34.23 -7.24 15.30
CA HIS A 23 35.50 -6.54 15.36
C HIS A 23 35.80 -5.91 14.00
N PRO A 24 36.36 -4.70 13.97
CA PRO A 24 36.59 -4.04 12.67
C PRO A 24 37.45 -4.84 11.72
N SER A 25 38.42 -5.60 12.22
CA SER A 25 39.33 -6.33 11.33
C SER A 25 38.58 -7.35 10.49
N CYS A 26 37.45 -7.87 10.98
CA CYS A 26 36.70 -8.88 10.26
C CYS A 26 35.92 -8.31 9.08
N VAL A 27 35.92 -7.00 8.89
CA VAL A 27 35.13 -6.35 7.85
C VAL A 27 36.07 -5.77 6.81
N THR A 28 35.78 -6.04 5.53
CA THR A 28 36.51 -5.48 4.41
C THR A 28 35.53 -4.70 3.54
N ARG A 29 35.74 -3.39 3.42
CA ARG A 29 34.92 -2.57 2.54
C ARG A 29 35.44 -2.67 1.11
N GLN A 30 34.52 -2.79 0.16
CA GLN A 30 34.89 -2.95 -1.25
C GLN A 30 34.36 -1.82 -2.13
N LYS A 31 33.05 -1.62 -2.21
CA LYS A 31 32.55 -0.62 -3.16
C LYS A 31 31.29 0.06 -2.67
N VAL A 32 31.21 1.37 -2.88
CA VAL A 32 30.00 2.11 -2.53
C VAL A 32 28.82 1.59 -3.36
N ILE A 33 27.70 1.36 -2.68
CA ILE A 33 26.49 0.88 -3.36
C ILE A 33 25.29 1.79 -3.12
N GLY A 34 25.38 2.77 -2.22
CA GLY A 34 24.25 3.65 -2.00
C GLY A 34 24.63 4.76 -1.05
N ALA A 35 23.66 5.64 -0.80
CA ALA A 35 23.80 6.74 0.14
C ALA A 35 22.61 6.69 1.09
N GLY A 36 22.89 6.43 2.37
CA GLY A 36 21.86 6.27 3.38
C GLY A 36 21.58 7.56 4.14
N GLU A 37 20.61 7.46 5.05
CA GLU A 37 20.23 8.61 5.86
C GLU A 37 21.40 9.10 6.70
N PHE A 38 22.22 8.18 7.22
CA PHE A 38 23.29 8.53 8.14
C PHE A 38 24.68 8.52 7.50
N GLY A 39 24.84 7.92 6.33
CA GLY A 39 26.14 7.87 5.70
C GLY A 39 26.12 7.05 4.44
N GLU A 40 27.31 6.66 3.99
CA GLU A 40 27.44 5.85 2.79
C GLU A 40 27.23 4.37 3.11
N VAL A 41 26.87 3.62 2.07
CA VAL A 41 26.65 2.18 2.18
C VAL A 41 27.61 1.49 1.22
N TYR A 42 28.26 0.44 1.70
CA TYR A 42 29.25 -0.30 0.94
C TYR A 42 28.86 -1.76 0.82
N LYS A 43 29.30 -2.38 -0.27
CA LYS A 43 29.35 -3.83 -0.38
C LYS A 43 30.75 -4.27 0.02
N GLY A 44 30.82 -5.30 0.85
CA GLY A 44 32.09 -5.79 1.33
C GLY A 44 31.99 -7.24 1.74
N MET A 45 33.03 -7.72 2.43
CA MET A 45 33.11 -9.10 2.89
C MET A 45 33.27 -9.13 4.40
N LEU A 46 32.65 -10.13 5.03
CA LEU A 46 32.70 -10.32 6.47
C LEU A 46 33.25 -11.70 6.78
N LYS A 47 34.19 -11.77 7.72
CA LYS A 47 34.77 -13.05 8.13
C LYS A 47 34.11 -13.55 9.42
N LYS A 53 34.63 -19.27 5.95
CA LYS A 53 34.92 -18.46 4.78
C LYS A 53 34.13 -17.14 4.84
N GLU A 54 34.69 -16.10 4.22
CA GLU A 54 34.05 -14.79 4.28
C GLU A 54 32.82 -14.74 3.37
N VAL A 55 31.84 -13.94 3.78
CA VAL A 55 30.54 -13.86 3.11
C VAL A 55 30.31 -12.41 2.65
N PRO A 56 29.67 -12.18 1.51
CA PRO A 56 29.37 -10.80 1.11
C PRO A 56 28.29 -10.21 2.00
N VAL A 57 28.42 -8.89 2.24
CA VAL A 57 27.55 -8.18 3.18
C VAL A 57 27.40 -6.73 2.72
N ALA A 58 26.33 -6.11 3.19
CA ALA A 58 26.14 -4.67 3.09
C ALA A 58 26.57 -4.03 4.40
N ILE A 59 27.26 -2.91 4.28
CA ILE A 59 27.90 -2.23 5.40
C ILE A 59 27.38 -0.80 5.40
N LYS A 60 26.51 -0.48 6.35
CA LYS A 60 26.04 0.88 6.54
C LYS A 60 26.97 1.59 7.52
N THR A 61 27.43 2.78 7.17
CA THR A 61 28.35 3.54 8.00
C THR A 61 27.70 4.83 8.48
N LEU A 62 28.16 5.29 9.63
CA LEU A 62 27.69 6.54 10.23
C LEU A 62 28.68 7.65 9.92
N LYS A 63 28.19 8.71 9.29
CA LYS A 63 29.02 9.85 8.93
C LYS A 63 29.78 10.37 10.15
N ALA A 64 31.04 10.74 9.93
CA ALA A 64 31.84 11.29 11.02
C ALA A 64 31.21 12.56 11.56
N GLY A 65 31.58 12.91 12.79
CA GLY A 65 31.05 14.08 13.44
C GLY A 65 29.61 13.94 13.87
N TYR A 66 29.22 12.74 14.33
CA TYR A 66 27.84 12.48 14.69
C TYR A 66 27.53 13.01 16.09
N THR A 67 26.25 13.30 16.31
CA THR A 67 25.74 13.57 17.64
C THR A 67 25.55 12.27 18.40
N GLU A 68 25.58 12.35 19.74
CA GLU A 68 25.30 11.17 20.53
C GLU A 68 23.93 10.59 20.20
N LYS A 69 22.92 11.45 20.08
CA LYS A 69 21.60 10.95 19.69
C LYS A 69 21.62 10.37 18.29
N GLN A 70 22.41 10.94 17.39
CA GLN A 70 22.54 10.37 16.05
C GLN A 70 23.12 8.96 16.12
N ARG A 71 24.15 8.78 16.92
CA ARG A 71 24.72 7.45 17.12
C ARG A 71 23.67 6.48 17.65
N VAL A 72 22.92 6.92 18.66
CA VAL A 72 21.90 6.07 19.25
C VAL A 72 20.88 5.65 18.21
N ASP A 73 20.37 6.62 17.45
CA ASP A 73 19.36 6.33 16.45
C ASP A 73 19.91 5.41 15.35
N PHE A 74 21.17 5.60 14.99
CA PHE A 74 21.77 4.77 13.95
C PHE A 74 21.83 3.31 14.40
N LEU A 75 22.43 3.06 15.57
CA LEU A 75 22.55 1.69 16.05
C LEU A 75 21.20 1.10 16.45
N GLY A 76 20.20 1.94 16.75
CA GLY A 76 18.90 1.42 17.11
C GLY A 76 18.23 0.63 16.00
N GLU A 77 18.52 0.98 14.75
CA GLU A 77 17.97 0.20 13.64
C GLU A 77 18.44 -1.24 13.73
N ALA A 78 19.74 -1.45 13.98
CA ALA A 78 20.23 -2.81 14.15
C ALA A 78 19.64 -3.44 15.40
N GLY A 79 19.44 -2.65 16.45
CA GLY A 79 18.79 -3.18 17.64
C GLY A 79 17.41 -3.74 17.35
N ILE A 80 16.69 -3.10 16.44
CA ILE A 80 15.38 -3.61 16.02
C ILE A 80 15.54 -4.81 15.09
N MET A 81 16.41 -4.68 14.10
CA MET A 81 16.56 -5.70 13.07
C MET A 81 16.99 -7.03 13.68
N GLY A 82 17.87 -7.00 14.69
CA GLY A 82 18.33 -8.22 15.32
C GLY A 82 17.26 -8.99 16.06
N GLN A 83 16.12 -8.37 16.33
CA GLN A 83 15.02 -9.04 17.01
C GLN A 83 14.19 -9.90 16.06
N PHE A 84 14.39 -9.78 14.76
CA PHE A 84 13.59 -10.47 13.77
C PHE A 84 14.37 -11.61 13.15
N SER A 85 13.63 -12.51 12.52
CA SER A 85 14.22 -13.69 11.87
C SER A 85 13.14 -14.27 10.95
N HIS A 86 13.22 -13.92 9.68
CA HIS A 86 12.20 -14.37 8.72
C HIS A 86 12.80 -14.34 7.33
N HIS A 87 12.29 -15.22 6.47
CA HIS A 87 12.79 -15.33 5.12
C HIS A 87 12.68 -14.01 4.36
N ASN A 88 11.67 -13.20 4.71
CA ASN A 88 11.39 -11.95 3.99
C ASN A 88 11.67 -10.72 4.86
N ILE A 89 12.57 -10.85 5.83
CA ILE A 89 13.08 -9.72 6.60
C ILE A 89 14.59 -9.75 6.54
N ILE A 90 15.20 -8.59 6.29
CA ILE A 90 16.63 -8.51 6.13
C ILE A 90 17.32 -9.04 7.39
N ARG A 91 18.41 -9.80 7.19
CA ARG A 91 19.14 -10.39 8.29
C ARG A 91 20.28 -9.48 8.74
N LEU A 92 20.44 -9.37 10.06
CA LEU A 92 21.52 -8.60 10.67
C LEU A 92 22.66 -9.54 11.03
N GLU A 93 23.85 -9.27 10.50
CA GLU A 93 25.04 -10.00 10.91
C GLU A 93 25.57 -9.46 12.24
N GLY A 94 25.61 -8.14 12.38
CA GLY A 94 26.13 -7.53 13.58
C GLY A 94 26.39 -6.05 13.38
N VAL A 95 26.99 -5.44 14.40
CA VAL A 95 27.27 -4.00 14.39
C VAL A 95 28.68 -3.77 14.90
N ILE A 96 29.23 -2.61 14.54
CA ILE A 96 30.45 -2.09 15.13
C ILE A 96 30.05 -0.81 15.87
N SER A 97 30.17 -0.84 17.20
CA SER A 97 29.82 0.28 18.04
C SER A 97 30.96 0.79 18.90
N LYS A 98 32.01 0.00 19.10
CA LYS A 98 33.11 0.37 19.99
C LYS A 98 34.21 1.16 19.29
N TYR A 99 34.25 1.14 17.95
CA TYR A 99 35.29 1.83 17.19
C TYR A 99 34.65 2.62 16.07
N LYS A 100 35.28 3.73 15.73
CA LYS A 100 34.73 4.60 14.69
C LYS A 100 35.22 4.17 13.32
N PRO A 101 34.37 4.31 12.28
CA PRO A 101 32.99 4.78 12.33
C PRO A 101 32.00 3.70 12.79
N MET A 102 30.82 4.11 13.25
CA MET A 102 29.78 3.15 13.58
C MET A 102 29.33 2.42 12.32
N MET A 103 29.02 1.14 12.45
CA MET A 103 28.66 0.33 11.30
C MET A 103 27.57 -0.68 11.64
N ILE A 104 26.72 -0.94 10.64
CA ILE A 104 25.70 -1.98 10.69
C ILE A 104 25.97 -2.94 9.54
N ILE A 105 26.05 -4.24 9.85
CA ILE A 105 26.36 -5.27 8.86
C ILE A 105 25.10 -6.08 8.61
N THR A 106 24.69 -6.16 7.35
CA THR A 106 23.51 -6.93 6.97
C THR A 106 23.84 -7.83 5.80
N GLU A 107 22.99 -8.81 5.57
CA GLU A 107 23.15 -9.67 4.40
C GLU A 107 23.11 -8.82 3.13
N TYR A 108 23.86 -9.25 2.12
CA TYR A 108 23.93 -8.51 0.88
C TYR A 108 22.72 -8.87 0.00
N MET A 109 22.12 -7.84 -0.59
CA MET A 109 20.98 -7.99 -1.49
C MET A 109 21.42 -7.48 -2.86
N GLU A 110 21.73 -8.41 -3.76
CA GLU A 110 22.45 -8.05 -4.99
C GLU A 110 21.64 -7.13 -5.88
N ASN A 111 20.31 -7.25 -5.88
CA ASN A 111 19.47 -6.47 -6.79
C ASN A 111 18.94 -5.19 -6.16
N GLY A 112 19.18 -4.95 -4.87
CA GLY A 112 18.92 -3.64 -4.30
C GLY A 112 17.44 -3.34 -4.07
N ALA A 113 17.13 -2.04 -4.08
CA ALA A 113 15.76 -1.60 -3.79
C ALA A 113 14.79 -2.12 -4.84
N LEU A 114 13.57 -2.42 -4.39
CA LEU A 114 12.59 -3.05 -5.26
C LEU A 114 12.14 -2.13 -6.38
N ASP A 115 11.86 -0.86 -6.08
CA ASP A 115 11.31 0.03 -7.10
C ASP A 115 12.33 0.30 -8.20
N LYS A 116 13.58 0.60 -7.82
CA LYS A 116 14.64 0.78 -8.81
C LYS A 116 14.80 -0.47 -9.66
N PHE A 117 14.73 -1.65 -9.02
CA PHE A 117 14.91 -2.91 -9.74
C PHE A 117 13.80 -3.13 -10.76
N LEU A 118 12.55 -2.92 -10.36
CA LEU A 118 11.44 -3.08 -11.30
C LEU A 118 11.54 -2.07 -12.44
N ARG A 119 11.95 -0.83 -12.14
CA ARG A 119 12.17 0.13 -13.22
C ARG A 119 13.21 -0.39 -14.20
N GLU A 120 14.33 -0.89 -13.69
CA GLU A 120 15.37 -1.43 -14.56
C GLU A 120 14.87 -2.63 -15.37
N LYS A 121 13.96 -3.42 -14.80
CA LYS A 121 13.44 -4.63 -15.45
C LYS A 121 12.01 -4.42 -15.94
N ASP A 122 11.75 -3.29 -16.58
CA ASP A 122 10.39 -2.96 -16.99
C ASP A 122 9.83 -4.04 -17.92
N GLY A 123 8.69 -4.60 -17.53
CA GLY A 123 7.98 -5.57 -18.35
C GLY A 123 8.68 -6.91 -18.51
N GLU A 124 9.76 -7.16 -17.79
CA GLU A 124 10.54 -8.39 -17.95
C GLU A 124 10.06 -9.53 -17.07
N PHE A 125 9.04 -9.31 -16.25
CA PHE A 125 8.49 -10.36 -15.39
C PHE A 125 7.05 -10.63 -15.77
N SER A 126 6.55 -11.77 -15.30
CA SER A 126 5.14 -12.13 -15.44
C SER A 126 4.34 -11.59 -14.26
N VAL A 127 3.03 -11.43 -14.48
CA VAL A 127 2.15 -11.02 -13.39
C VAL A 127 2.24 -12.00 -12.24
N LEU A 128 2.43 -13.29 -12.53
CA LEU A 128 2.55 -14.28 -11.47
C LEU A 128 3.79 -14.03 -10.62
N GLN A 129 4.89 -13.66 -11.27
CA GLN A 129 6.11 -13.36 -10.52
C GLN A 129 5.94 -12.12 -9.65
N LEU A 130 5.28 -11.09 -10.18
CA LEU A 130 5.03 -9.89 -9.39
C LEU A 130 4.14 -10.21 -8.18
N VAL A 131 3.11 -11.03 -8.39
CA VAL A 131 2.26 -11.44 -7.28
C VAL A 131 3.04 -12.29 -6.28
N GLY A 132 4.04 -13.05 -6.75
CA GLY A 132 4.87 -13.79 -5.83
C GLY A 132 5.74 -12.89 -4.97
N MET A 133 6.29 -11.83 -5.58
CA MET A 133 6.99 -10.81 -4.80
C MET A 133 6.08 -10.20 -3.76
N LEU A 134 4.85 -9.87 -4.16
CA LEU A 134 3.90 -9.31 -3.20
C LEU A 134 3.60 -10.31 -2.09
N ARG A 135 3.53 -11.60 -2.42
CA ARG A 135 3.30 -12.59 -1.37
C ARG A 135 4.46 -12.65 -0.39
N GLY A 136 5.69 -12.55 -0.89
CA GLY A 136 6.84 -12.54 0.01
C GLY A 136 6.84 -11.33 0.91
N ILE A 137 6.54 -10.16 0.36
CA ILE A 137 6.45 -8.94 1.17
C ILE A 137 5.36 -9.08 2.22
N ALA A 138 4.20 -9.62 1.82
CA ALA A 138 3.11 -9.79 2.77
C ALA A 138 3.47 -10.80 3.85
N ALA A 139 4.28 -11.81 3.52
CA ALA A 139 4.73 -12.75 4.54
C ALA A 139 5.62 -12.05 5.56
N GLY A 140 6.56 -11.23 5.07
CA GLY A 140 7.36 -10.43 5.99
C GLY A 140 6.52 -9.55 6.87
N MET A 141 5.51 -8.88 6.29
CA MET A 141 4.70 -7.96 7.09
C MET A 141 3.80 -8.71 8.05
N LYS A 142 3.33 -9.90 7.69
CA LYS A 142 2.58 -10.73 8.61
C LYS A 142 3.45 -11.13 9.79
N TYR A 143 4.68 -11.54 9.53
CA TYR A 143 5.62 -11.80 10.62
C TYR A 143 5.76 -10.59 11.52
N LEU A 144 6.01 -9.41 10.93
CA LEU A 144 6.18 -8.21 11.74
C LEU A 144 4.94 -7.92 12.58
N ALA A 145 3.75 -8.04 11.99
CA ALA A 145 2.52 -7.76 12.72
C ALA A 145 2.32 -8.73 13.87
N ASN A 146 2.60 -10.02 13.65
CA ASN A 146 2.47 -10.99 14.73
C ASN A 146 3.49 -10.75 15.84
N MET A 147 4.61 -10.11 15.52
CA MET A 147 5.58 -9.70 16.53
C MET A 147 5.22 -8.36 17.17
N ASN A 148 4.04 -7.82 16.86
CA ASN A 148 3.60 -6.53 17.39
C ASN A 148 4.60 -5.43 17.03
N TYR A 149 4.99 -5.41 15.75
CA TYR A 149 5.87 -4.38 15.22
C TYR A 149 5.14 -3.64 14.11
N VAL A 150 5.04 -2.33 14.24
CA VAL A 150 4.42 -1.47 13.23
C VAL A 150 5.54 -0.75 12.50
N HIS A 151 5.63 -0.98 11.20
CA HIS A 151 6.76 -0.47 10.42
C HIS A 151 6.67 1.04 10.23
N ARG A 152 5.48 1.57 9.96
CA ARG A 152 5.22 2.99 9.80
C ARG A 152 5.77 3.56 8.48
N ASP A 153 6.61 2.80 7.77
CA ASP A 153 7.30 3.35 6.61
C ASP A 153 7.51 2.27 5.56
N LEU A 154 6.45 1.52 5.25
CA LEU A 154 6.54 0.45 4.27
C LEU A 154 6.39 1.03 2.86
N ALA A 155 7.42 0.83 2.04
CA ALA A 155 7.41 1.29 0.66
C ALA A 155 8.40 0.47 -0.14
N ALA A 156 8.20 0.44 -1.46
CA ALA A 156 9.06 -0.37 -2.33
C ALA A 156 10.52 0.01 -2.18
N ARG A 157 10.83 1.27 -1.88
CA ARG A 157 12.22 1.69 -1.72
C ARG A 157 12.87 1.06 -0.50
N ASN A 158 12.08 0.66 0.49
CA ASN A 158 12.60 0.02 1.69
C ASN A 158 12.51 -1.50 1.63
N ILE A 159 12.32 -2.06 0.43
CA ILE A 159 12.32 -3.49 0.21
C ILE A 159 13.51 -3.84 -0.68
N LEU A 160 14.30 -4.82 -0.25
CA LEU A 160 15.49 -5.24 -0.96
C LEU A 160 15.24 -6.57 -1.66
N VAL A 161 16.01 -6.81 -2.73
CA VAL A 161 15.85 -7.99 -3.58
C VAL A 161 17.21 -8.63 -3.77
N ASN A 162 17.28 -9.94 -3.54
CA ASN A 162 18.52 -10.69 -3.71
C ASN A 162 18.57 -11.32 -5.10
N SER A 163 19.54 -12.20 -5.30
CA SER A 163 19.72 -12.81 -6.62
C SER A 163 18.50 -13.62 -7.03
N ASN A 164 17.86 -14.29 -6.08
CA ASN A 164 16.73 -15.17 -6.36
C ASN A 164 15.38 -14.45 -6.31
N LEU A 165 15.38 -13.13 -6.51
CA LEU A 165 14.16 -12.32 -6.55
C LEU A 165 13.36 -12.44 -5.26
N VAL A 166 14.01 -12.78 -4.16
CA VAL A 166 13.37 -12.76 -2.86
C VAL A 166 13.33 -11.33 -2.33
N CYS A 167 12.14 -10.86 -1.98
CA CYS A 167 11.95 -9.52 -1.46
C CYS A 167 11.90 -9.53 0.06
N LYS A 168 12.61 -8.59 0.69
CA LYS A 168 12.70 -8.51 2.13
C LYS A 168 12.50 -7.07 2.60
N VAL A 169 11.75 -6.90 3.68
CA VAL A 169 11.63 -5.60 4.33
C VAL A 169 12.98 -5.22 4.94
N SER A 170 13.34 -3.94 4.85
CA SER A 170 14.72 -3.52 5.08
C SER A 170 14.92 -2.33 6.00
N ASP A 171 13.94 -1.46 6.19
CA ASP A 171 14.16 -0.18 6.88
C ASP A 171 13.48 -0.23 8.24
N PHE A 172 14.28 -0.23 9.31
CA PHE A 172 13.78 -0.33 10.68
C PHE A 172 14.30 0.82 11.53
N GLY A 173 14.15 2.04 11.02
CA GLY A 173 14.57 3.21 11.77
C GLY A 173 13.60 3.58 12.87
N LEU A 174 14.02 4.52 13.70
CA LEU A 174 13.22 5.08 14.78
C LEU A 174 13.12 6.59 14.58
N SER A 175 12.50 7.26 15.54
CA SER A 175 12.32 8.71 15.48
C SER A 175 11.73 9.13 14.14
N ARG A 176 10.92 8.25 13.55
CA ARG A 176 10.34 8.52 12.25
C ARG A 176 9.24 9.57 12.37
N VAL A 177 9.32 10.62 11.52
CA VAL A 177 8.34 11.69 11.51
C VAL A 177 7.83 11.87 10.08
N LEU A 178 6.71 12.57 9.96
CA LEU A 178 6.01 12.70 8.69
C LEU A 178 6.60 13.79 7.81
N GLU A 179 6.38 13.63 6.50
CA GLU A 179 6.69 14.68 5.54
C GLU A 179 5.86 15.93 5.83
N ASP A 180 6.54 17.08 5.96
CA ASP A 180 5.86 18.34 6.26
C ASP A 180 5.67 19.21 5.04
N ASP A 181 6.35 18.94 3.92
CA ASP A 181 6.24 19.74 2.71
C ASP A 181 4.93 19.45 1.99
N PRO A 182 3.97 20.39 1.94
CA PRO A 182 2.67 20.09 1.33
C PRO A 182 2.61 20.40 -0.16
N GLU A 183 3.39 21.38 -0.62
CA GLU A 183 3.38 21.77 -2.03
C GLU A 183 4.25 20.87 -2.90
N ALA A 184 4.94 19.89 -2.30
CA ALA A 184 5.90 19.08 -3.02
C ALA A 184 5.21 18.01 -3.85
N THR A 185 5.88 17.62 -4.95
CA THR A 185 5.45 16.52 -5.80
C THR A 185 6.48 15.42 -5.93
N TYR A 186 7.78 15.75 -5.87
CA TYR A 186 8.84 14.77 -5.93
C TYR A 186 9.12 14.21 -4.54
N THR A 187 10.27 13.57 -4.35
CA THR A 187 10.69 13.08 -3.04
C THR A 187 11.34 14.22 -2.27
N THR A 188 10.92 14.41 -1.03
CA THR A 188 11.45 15.49 -0.21
C THR A 188 12.77 15.07 0.45
N SER A 189 13.56 16.08 0.81
CA SER A 189 14.85 15.86 1.43
C SER A 189 14.68 15.44 2.89
N GLY A 190 15.41 14.41 3.30
CA GLY A 190 15.35 13.94 4.66
C GLY A 190 14.81 12.53 4.77
N GLY A 191 15.06 11.88 5.91
CA GLY A 191 14.55 10.54 6.16
C GLY A 191 13.17 10.58 6.76
N LYS A 192 12.25 11.26 6.09
CA LYS A 192 10.88 11.42 6.58
C LYS A 192 9.98 10.34 6.00
N ILE A 193 8.83 10.16 6.64
CA ILE A 193 7.81 9.23 6.15
C ILE A 193 6.98 9.96 5.10
N PRO A 194 6.98 9.50 3.85
CA PRO A 194 6.26 10.25 2.80
C PRO A 194 4.76 10.12 2.96
N ILE A 195 4.07 11.21 2.60
CA ILE A 195 2.61 11.25 2.74
C ILE A 195 1.94 10.22 1.84
N ARG A 196 2.53 9.95 0.67
CA ARG A 196 1.86 9.15 -0.35
C ARG A 196 1.74 7.67 0.01
N TRP A 197 2.47 7.20 1.03
CA TRP A 197 2.38 5.81 1.47
C TRP A 197 1.69 5.66 2.82
N THR A 198 1.32 6.76 3.46
CA THR A 198 0.81 6.73 4.83
C THR A 198 -0.71 6.79 4.84
N ALA A 199 -1.31 6.02 5.75
CA ALA A 199 -2.76 5.95 5.84
C ALA A 199 -3.35 7.27 6.34
N PRO A 200 -4.63 7.53 6.04
CA PRO A 200 -5.21 8.81 6.45
C PRO A 200 -5.15 9.07 7.94
N GLU A 201 -5.56 8.09 8.75
CA GLU A 201 -5.55 8.30 10.20
C GLU A 201 -4.15 8.53 10.71
N ALA A 202 -3.14 7.96 10.06
CA ALA A 202 -1.76 8.16 10.48
C ALA A 202 -1.31 9.60 10.21
N ILE A 203 -1.77 10.18 9.10
CA ILE A 203 -1.43 11.57 8.81
C ILE A 203 -2.19 12.52 9.74
N SER A 204 -3.49 12.26 9.92
CA SER A 204 -4.34 13.23 10.63
C SER A 204 -4.14 13.18 12.14
N TYR A 205 -3.97 11.98 12.71
CA TYR A 205 -3.92 11.82 14.15
C TYR A 205 -2.69 11.07 14.63
N ARG A 206 -1.75 10.75 13.74
CA ARG A 206 -0.54 10.02 14.10
C ARG A 206 -0.85 8.65 14.70
N LYS A 207 -1.91 8.01 14.22
CA LYS A 207 -2.31 6.69 14.69
C LYS A 207 -1.76 5.63 13.74
N PHE A 208 -0.49 5.30 13.93
CA PHE A 208 0.17 4.27 13.15
C PHE A 208 -0.15 2.90 13.74
N THR A 209 -0.74 2.03 12.93
CA THR A 209 -1.07 0.68 13.35
C THR A 209 -0.74 -0.28 12.22
N SER A 210 -0.92 -1.58 12.48
CA SER A 210 -0.72 -2.56 11.42
C SER A 210 -1.69 -2.34 10.28
N ALA A 211 -2.84 -1.73 10.56
CA ALA A 211 -3.78 -1.40 9.49
C ALA A 211 -3.23 -0.28 8.60
N SER A 212 -2.56 0.71 9.18
CA SER A 212 -1.91 1.73 8.36
C SER A 212 -0.79 1.12 7.54
N ASP A 213 -0.09 0.12 8.12
CA ASP A 213 0.89 -0.63 7.34
C ASP A 213 0.21 -1.38 6.20
N VAL A 214 -1.00 -1.87 6.41
CA VAL A 214 -1.75 -2.51 5.33
C VAL A 214 -2.04 -1.52 4.21
N TRP A 215 -2.45 -0.31 4.58
CA TRP A 215 -2.64 0.75 3.58
C TRP A 215 -1.37 0.95 2.76
N SER A 216 -0.25 1.14 3.45
CA SER A 216 1.01 1.34 2.74
C SER A 216 1.36 0.12 1.89
N PHE A 217 0.95 -1.08 2.33
CA PHE A 217 1.21 -2.27 1.54
C PHE A 217 0.39 -2.25 0.25
N GLY A 218 -0.85 -1.79 0.32
CA GLY A 218 -1.61 -1.59 -0.91
C GLY A 218 -0.90 -0.64 -1.85
N ILE A 219 -0.32 0.43 -1.31
CA ILE A 219 0.45 1.33 -2.15
C ILE A 219 1.64 0.59 -2.76
N VAL A 220 2.25 -0.31 -1.99
CA VAL A 220 3.38 -1.09 -2.53
C VAL A 220 2.90 -2.00 -3.65
N MET A 221 1.72 -2.59 -3.49
CA MET A 221 1.14 -3.41 -4.55
C MET A 221 1.03 -2.60 -5.83
N TRP A 222 0.45 -1.40 -5.73
CA TRP A 222 0.38 -0.52 -6.88
C TRP A 222 1.77 -0.29 -7.47
N GLU A 223 2.74 0.03 -6.61
CA GLU A 223 4.12 0.23 -7.07
C GLU A 223 4.59 -0.95 -7.92
N VAL A 224 4.38 -2.17 -7.42
CA VAL A 224 4.88 -3.35 -8.11
C VAL A 224 4.18 -3.53 -9.45
N MET A 225 2.84 -3.49 -9.45
CA MET A 225 2.11 -3.71 -10.69
C MET A 225 2.44 -2.68 -11.76
N THR A 226 2.97 -1.51 -11.38
CA THR A 226 3.35 -0.48 -12.33
C THR A 226 4.85 -0.48 -12.64
N TYR A 227 5.61 -1.42 -12.08
CA TYR A 227 7.05 -1.51 -12.31
C TYR A 227 7.77 -0.26 -11.79
N GLY A 228 7.32 0.25 -10.65
CA GLY A 228 8.04 1.31 -9.97
C GLY A 228 7.62 2.72 -10.31
N GLU A 229 6.37 2.93 -10.70
CA GLU A 229 5.88 4.27 -10.93
C GLU A 229 5.66 4.99 -9.61
N ARG A 230 5.47 6.32 -9.69
CA ARG A 230 5.23 7.14 -8.51
C ARG A 230 3.74 7.24 -8.22
N PRO A 231 3.29 6.91 -7.00
CA PRO A 231 1.88 7.09 -6.68
C PRO A 231 1.45 8.54 -6.79
N TYR A 232 0.21 8.75 -7.23
CA TYR A 232 -0.39 10.08 -7.28
C TYR A 232 0.47 11.03 -8.12
N TRP A 233 1.02 10.49 -9.20
CA TRP A 233 1.94 11.25 -10.04
C TRP A 233 1.35 12.60 -10.43
N GLU A 234 2.18 13.63 -10.38
CA GLU A 234 1.82 15.00 -10.75
C GLU A 234 1.10 15.71 -9.61
N LEU A 235 0.43 14.95 -8.73
CA LEU A 235 -0.26 15.57 -7.62
C LEU A 235 0.74 15.98 -6.54
N SER A 236 0.32 16.92 -5.70
CA SER A 236 1.11 17.37 -4.56
C SER A 236 0.66 16.64 -3.30
N ASN A 237 1.52 16.68 -2.27
CA ASN A 237 1.19 16.05 -1.00
C ASN A 237 -0.15 16.53 -0.47
N HIS A 238 -0.38 17.84 -0.52
CA HIS A 238 -1.65 18.40 -0.08
C HIS A 238 -2.80 17.89 -0.93
N GLU A 239 -2.62 17.87 -2.25
CA GLU A 239 -3.64 17.33 -3.14
C GLU A 239 -3.89 15.85 -2.85
N VAL A 240 -2.83 15.11 -2.53
CA VAL A 240 -3.00 13.70 -2.19
C VAL A 240 -3.84 13.55 -0.93
N MET A 241 -3.55 14.34 0.10
CA MET A 241 -4.30 14.25 1.35
C MET A 241 -5.77 14.58 1.12
N LYS A 242 -6.04 15.69 0.41
CA LYS A 242 -7.42 16.06 0.15
C LYS A 242 -8.14 14.99 -0.66
N ALA A 243 -7.47 14.46 -1.68
CA ALA A 243 -8.06 13.42 -2.52
C ALA A 243 -8.45 12.20 -1.68
N ILE A 244 -7.51 11.70 -0.87
CA ILE A 244 -7.79 10.53 -0.05
C ILE A 244 -8.95 10.81 0.90
N ASN A 245 -9.01 12.03 1.45
CA ASN A 245 -10.09 12.34 2.37
C ASN A 245 -11.43 12.43 1.67
N ASP A 246 -11.45 12.82 0.38
CA ASP A 246 -12.70 12.94 -0.36
C ASP A 246 -13.10 11.67 -1.08
N GLY A 247 -12.34 10.59 -0.94
CA GLY A 247 -12.69 9.30 -1.50
C GLY A 247 -11.88 8.89 -2.71
N PHE A 248 -11.05 9.78 -3.27
CA PHE A 248 -10.24 9.41 -4.41
C PHE A 248 -9.23 8.34 -4.02
N ARG A 249 -8.83 7.53 -5.00
CA ARG A 249 -7.88 6.46 -4.78
C ARG A 249 -7.00 6.34 -6.03
N LEU A 250 -5.95 5.54 -5.92
CA LEU A 250 -5.08 5.32 -7.06
C LEU A 250 -5.83 4.58 -8.16
N PRO A 251 -5.45 4.77 -9.42
CA PRO A 251 -6.16 4.12 -10.51
C PRO A 251 -5.61 2.73 -10.78
N THR A 252 -6.31 2.02 -11.67
CA THR A 252 -5.88 0.68 -12.04
C THR A 252 -4.55 0.75 -12.76
N PRO A 253 -3.54 -0.02 -12.34
CA PRO A 253 -2.34 -0.18 -13.17
C PRO A 253 -2.69 -0.82 -14.50
N MET A 254 -1.85 -0.57 -15.49
CA MET A 254 -1.95 -1.29 -16.75
C MET A 254 -1.69 -2.77 -16.50
N ASP A 255 -2.45 -3.63 -17.19
CA ASP A 255 -2.25 -5.07 -17.14
C ASP A 255 -2.23 -5.56 -15.69
N CYS A 256 -3.32 -5.27 -14.99
CA CYS A 256 -3.45 -5.64 -13.59
C CYS A 256 -4.64 -6.59 -13.41
N PRO A 257 -4.45 -7.75 -12.79
CA PRO A 257 -5.58 -8.63 -12.52
C PRO A 257 -6.63 -7.94 -11.66
N SER A 258 -7.89 -8.11 -12.06
CA SER A 258 -8.99 -7.52 -11.31
C SER A 258 -8.91 -7.88 -9.83
N ALA A 259 -8.47 -9.10 -9.52
CA ALA A 259 -8.35 -9.52 -8.12
C ALA A 259 -7.31 -8.69 -7.39
N ILE A 260 -6.19 -8.38 -8.05
CA ILE A 260 -5.12 -7.65 -7.38
C ILE A 260 -5.54 -6.22 -7.10
N TYR A 261 -6.21 -5.58 -8.07
CA TYR A 261 -6.70 -4.21 -7.83
C TYR A 261 -7.81 -4.22 -6.78
N GLN A 262 -8.65 -5.25 -6.79
CA GLN A 262 -9.64 -5.40 -5.74
C GLN A 262 -8.98 -5.43 -4.37
N LEU A 263 -7.89 -6.20 -4.24
CA LEU A 263 -7.19 -6.29 -2.97
C LEU A 263 -6.56 -4.96 -2.58
N MET A 264 -5.90 -4.29 -3.54
CA MET A 264 -5.38 -2.95 -3.29
C MET A 264 -6.44 -2.04 -2.71
N MET A 265 -7.57 -1.92 -3.42
CA MET A 265 -8.65 -1.06 -2.94
C MET A 265 -9.14 -1.49 -1.56
N GLN A 266 -9.11 -2.79 -1.27
CA GLN A 266 -9.47 -3.24 0.07
C GLN A 266 -8.48 -2.70 1.11
N CYS A 267 -7.19 -2.70 0.78
CA CYS A 267 -6.20 -2.16 1.69
C CYS A 267 -6.43 -0.68 1.97
N TRP A 268 -7.04 0.04 1.03
CA TRP A 268 -7.19 1.49 1.12
C TRP A 268 -8.54 1.91 1.69
N GLN A 269 -9.24 1.01 2.39
CA GLN A 269 -10.49 1.39 3.03
C GLN A 269 -10.27 2.59 3.94
N GLN A 270 -11.21 3.53 3.89
CA GLN A 270 -11.11 4.71 4.75
C GLN A 270 -11.07 4.30 6.22
N GLU A 271 -12.07 3.53 6.66
CA GLU A 271 -12.08 3.00 8.03
C GLU A 271 -11.04 1.88 8.14
N ARG A 272 -10.04 2.08 9.01
CA ARG A 272 -8.94 1.12 9.11
C ARG A 272 -9.44 -0.26 9.53
N ALA A 273 -10.51 -0.31 10.33
CA ALA A 273 -11.00 -1.60 10.82
C ALA A 273 -11.51 -2.48 9.68
N ARG A 274 -11.95 -1.88 8.58
CA ARG A 274 -12.46 -2.64 7.45
C ARG A 274 -11.38 -3.17 6.54
N ARG A 275 -10.12 -2.78 6.74
CA ARG A 275 -9.04 -3.27 5.91
C ARG A 275 -8.73 -4.72 6.25
N PRO A 276 -8.15 -5.46 5.32
CA PRO A 276 -7.72 -6.83 5.62
C PRO A 276 -6.45 -6.85 6.46
N LYS A 277 -6.38 -7.83 7.36
CA LYS A 277 -5.15 -8.07 8.09
C LYS A 277 -4.12 -8.72 7.17
N PHE A 278 -2.86 -8.74 7.62
CA PHE A 278 -1.80 -9.28 6.76
C PHE A 278 -1.93 -10.78 6.56
N ALA A 279 -2.50 -11.50 7.53
CA ALA A 279 -2.78 -12.91 7.31
C ALA A 279 -3.75 -13.10 6.15
N ASP A 280 -4.81 -12.28 6.12
CA ASP A 280 -5.74 -12.32 5.01
C ASP A 280 -5.04 -12.01 3.69
N ILE A 281 -4.18 -11.00 3.69
CA ILE A 281 -3.44 -10.62 2.50
C ILE A 281 -2.64 -11.81 1.97
N VAL A 282 -1.88 -12.45 2.85
CA VAL A 282 -1.04 -13.57 2.43
C VAL A 282 -1.90 -14.71 1.90
N SER A 283 -3.02 -15.00 2.58
CA SER A 283 -3.88 -16.08 2.12
C SER A 283 -4.42 -15.79 0.72
N ILE A 284 -4.86 -14.56 0.50
CA ILE A 284 -5.43 -14.20 -0.79
C ILE A 284 -4.38 -14.34 -1.89
N LEU A 285 -3.19 -13.80 -1.64
CA LEU A 285 -2.14 -13.85 -2.65
C LEU A 285 -1.71 -15.28 -2.93
N ASP A 286 -1.66 -16.12 -1.90
CA ASP A 286 -1.26 -17.51 -2.10
C ASP A 286 -2.33 -18.27 -2.88
N LYS A 287 -3.61 -18.03 -2.57
CA LYS A 287 -4.68 -18.64 -3.34
C LYS A 287 -4.58 -18.26 -4.81
N LEU A 288 -4.36 -16.97 -5.08
CA LEU A 288 -4.24 -16.52 -6.46
C LEU A 288 -3.07 -17.20 -7.16
N ILE A 289 -1.92 -17.30 -6.47
CA ILE A 289 -0.75 -17.90 -7.11
C ILE A 289 -0.99 -19.37 -7.37
N ARG A 290 -1.62 -20.08 -6.44
CA ARG A 290 -1.85 -21.51 -6.62
C ARG A 290 -2.96 -21.81 -7.62
N ALA A 291 -3.78 -20.81 -7.95
CA ALA A 291 -4.75 -20.91 -9.04
C ALA A 291 -4.56 -19.72 -9.97
N PRO A 292 -3.46 -19.70 -10.73
CA PRO A 292 -3.13 -18.49 -11.51
C PRO A 292 -4.17 -18.11 -12.55
N ASP A 293 -5.09 -19.01 -12.90
CA ASP A 293 -6.14 -18.65 -13.85
C ASP A 293 -7.03 -17.53 -13.31
N SER A 294 -7.03 -17.31 -11.99
CA SER A 294 -7.78 -16.20 -11.40
C SER A 294 -7.10 -14.85 -11.62
N LEU A 295 -5.95 -14.82 -12.29
CA LEU A 295 -5.23 -13.57 -12.54
C LEU A 295 -5.32 -13.12 -13.99
N LYS A 296 -6.12 -13.78 -14.83
CA LYS A 296 -6.24 -13.41 -16.23
C LYS A 296 -7.26 -12.30 -16.45
N THR A 297 -8.32 -12.25 -15.64
CA THR A 297 -9.29 -11.17 -15.73
C THR A 297 -8.64 -9.87 -15.28
N LEU A 298 -8.51 -8.91 -16.19
CA LEU A 298 -7.86 -7.64 -15.92
C LEU A 298 -8.89 -6.57 -15.56
N ALA A 299 -8.47 -5.63 -14.74
CA ALA A 299 -9.30 -4.48 -14.40
C ALA A 299 -9.18 -3.41 -15.47
N ASP A 300 -10.30 -2.76 -15.78
CA ASP A 300 -10.31 -1.73 -16.82
C ASP A 300 -9.17 -0.73 -16.60
N PHE A 301 -8.57 -0.33 -17.71
CA PHE A 301 -7.42 0.58 -17.69
C PHE A 301 -7.77 1.84 -18.48
N ASP A 302 -7.48 2.99 -17.89
CA ASP A 302 -7.66 4.28 -18.55
C ASP A 302 -6.34 5.04 -18.43
N PRO A 303 -5.59 5.21 -19.53
CA PRO A 303 -4.25 5.80 -19.41
C PRO A 303 -4.25 7.29 -19.08
N ARG A 304 -5.41 7.93 -18.93
CA ARG A 304 -5.47 9.36 -18.70
C ARG A 304 -5.47 9.74 -17.23
N VAL A 305 -5.78 8.81 -16.34
CA VAL A 305 -6.08 9.11 -14.95
C VAL A 305 -4.85 8.83 -14.09
N SER A 306 -4.57 9.75 -13.16
CA SER A 306 -3.64 9.50 -12.06
C SER A 306 -4.35 9.16 -10.76
N ILE A 307 -5.69 9.23 -10.75
CA ILE A 307 -6.47 8.90 -9.57
C ILE A 307 -7.84 8.42 -10.03
N ARG A 308 -8.46 7.57 -9.21
CA ARG A 308 -9.83 7.12 -9.43
C ARG A 308 -10.80 8.04 -8.70
N LEU A 309 -11.92 8.37 -9.35
CA LEU A 309 -12.93 9.21 -8.73
C LEU A 309 -13.46 8.54 -7.47
N PRO A 310 -13.98 9.32 -6.52
CA PRO A 310 -14.65 8.72 -5.37
C PRO A 310 -15.98 8.11 -5.79
N GLU A 311 -16.47 7.21 -4.95
CA GLU A 311 -17.73 6.55 -5.23
C GLU A 311 -18.90 7.42 -4.76
N THR A 312 -20.07 7.14 -5.31
CA THR A 312 -21.29 7.86 -4.97
C THR A 312 -21.96 7.25 -3.75
N SER A 313 -22.85 8.02 -3.14
CA SER A 313 -23.60 7.57 -1.97
C SER A 313 -24.31 6.25 -2.25
N VAL A 323 -45.53 12.91 -8.70
CA VAL A 323 -46.01 11.88 -9.62
C VAL A 323 -45.89 12.36 -11.07
N SER A 324 -45.98 13.67 -11.26
CA SER A 324 -45.80 14.22 -12.61
C SER A 324 -44.34 14.11 -13.04
N GLU A 325 -43.40 14.31 -12.12
CA GLU A 325 -41.99 14.19 -12.46
C GLU A 325 -41.64 12.76 -12.87
N TRP A 326 -42.14 11.78 -12.14
CA TRP A 326 -41.86 10.39 -12.49
C TRP A 326 -42.44 10.04 -13.86
N LEU A 327 -43.68 10.48 -14.13
CA LEU A 327 -44.29 10.18 -15.42
C LEU A 327 -43.54 10.88 -16.56
N GLU A 328 -43.04 12.10 -16.31
CA GLU A 328 -42.30 12.80 -17.35
C GLU A 328 -40.91 12.20 -17.55
N SER A 329 -40.35 11.58 -16.50
CA SER A 329 -39.07 10.89 -16.66
C SER A 329 -39.14 9.83 -17.75
N ILE A 330 -40.29 9.19 -17.91
CA ILE A 330 -40.51 8.19 -18.94
C ILE A 330 -41.40 8.74 -20.07
N LYS A 331 -41.54 10.06 -20.15
CA LYS A 331 -42.25 10.73 -21.23
C LYS A 331 -43.75 10.43 -21.22
N MET A 332 -44.31 10.08 -20.07
CA MET A 332 -45.72 9.74 -19.95
C MET A 332 -46.46 10.74 -19.07
N GLN A 333 -46.04 12.00 -19.09
CA GLN A 333 -46.63 13.00 -18.22
C GLN A 333 -48.11 13.23 -18.54
N GLN A 334 -48.52 12.97 -19.78
CA GLN A 334 -49.90 13.21 -20.19
C GLN A 334 -50.89 12.27 -19.51
N TYR A 335 -50.42 11.22 -18.85
CA TYR A 335 -51.28 10.36 -18.04
C TYR A 335 -51.49 10.90 -16.63
N THR A 336 -50.80 11.99 -16.26
CA THR A 336 -50.82 12.47 -14.88
C THR A 336 -52.24 12.61 -14.36
N GLU A 337 -53.08 13.37 -15.08
CA GLU A 337 -54.45 13.57 -14.63
C GLU A 337 -55.15 12.24 -14.36
N HIS A 338 -54.95 11.26 -15.23
CA HIS A 338 -55.52 9.93 -14.99
C HIS A 338 -55.06 9.40 -13.62
N PHE A 339 -53.75 9.41 -13.38
CA PHE A 339 -53.23 8.97 -12.08
C PHE A 339 -53.87 9.74 -10.93
N MET A 340 -54.23 11.01 -11.16
CA MET A 340 -54.87 11.78 -10.10
C MET A 340 -56.34 11.41 -9.95
N ALA A 341 -57.00 11.05 -11.05
CA ALA A 341 -58.43 10.76 -11.00
C ALA A 341 -58.73 9.41 -10.36
N ALA A 342 -57.80 8.46 -10.45
CA ALA A 342 -58.00 7.12 -9.91
C ALA A 342 -57.54 6.99 -8.46
N GLY A 343 -57.14 8.08 -7.84
CA GLY A 343 -56.71 8.06 -6.45
C GLY A 343 -55.21 7.96 -6.25
N TYR A 344 -54.45 7.66 -7.31
CA TYR A 344 -52.99 7.57 -7.20
C TYR A 344 -52.40 8.98 -7.24
N THR A 345 -52.57 9.67 -6.12
CA THR A 345 -52.14 11.06 -5.99
C THR A 345 -50.76 11.20 -5.38
N ALA A 346 -50.26 10.16 -4.72
CA ALA A 346 -48.95 10.20 -4.06
C ALA A 346 -48.06 9.11 -4.64
N ILE A 347 -46.75 9.25 -4.39
CA ILE A 347 -45.79 8.31 -4.92
C ILE A 347 -45.83 7.00 -4.14
N GLU A 348 -46.03 7.09 -2.82
CA GLU A 348 -45.98 5.89 -1.98
C GLU A 348 -47.01 4.86 -2.42
N LYS A 349 -48.15 5.30 -2.95
CA LYS A 349 -49.17 4.36 -3.40
C LYS A 349 -48.91 3.85 -4.81
N VAL A 350 -48.19 4.63 -5.63
CA VAL A 350 -47.93 4.20 -7.01
C VAL A 350 -46.89 3.10 -7.04
N VAL A 351 -45.84 3.21 -6.21
CA VAL A 351 -44.81 2.18 -6.17
C VAL A 351 -45.39 0.85 -5.74
N GLN A 352 -46.49 0.86 -5.00
CA GLN A 352 -47.21 -0.35 -4.62
C GLN A 352 -48.30 -0.72 -5.62
N MET A 353 -48.17 -0.27 -6.87
CA MET A 353 -49.19 -0.51 -7.88
C MET A 353 -48.86 -1.77 -8.68
N THR A 354 -49.90 -2.51 -9.04
CA THR A 354 -49.78 -3.71 -9.85
C THR A 354 -50.08 -3.39 -11.31
N ASN A 355 -49.73 -4.34 -12.19
CA ASN A 355 -49.99 -4.14 -13.61
C ASN A 355 -51.49 -4.11 -13.90
N ASP A 356 -52.29 -4.88 -13.16
CA ASP A 356 -53.73 -4.81 -13.33
C ASP A 356 -54.28 -3.47 -12.91
N ASP A 357 -53.69 -2.85 -11.88
CA ASP A 357 -54.07 -1.48 -11.55
C ASP A 357 -53.77 -0.53 -12.70
N ILE A 358 -52.63 -0.75 -13.37
CA ILE A 358 -52.27 0.10 -14.51
C ILE A 358 -53.29 -0.07 -15.64
N LYS A 359 -53.66 -1.32 -15.93
CA LYS A 359 -54.70 -1.54 -16.93
C LYS A 359 -56.00 -0.85 -16.52
N ARG A 360 -56.38 -0.99 -15.24
CA ARG A 360 -57.65 -0.45 -14.76
C ARG A 360 -57.70 1.07 -14.90
N ILE A 361 -56.59 1.74 -14.60
CA ILE A 361 -56.61 3.20 -14.55
C ILE A 361 -56.78 3.82 -15.94
N GLY A 362 -56.43 3.10 -17.01
CA GLY A 362 -56.66 3.60 -18.34
C GLY A 362 -55.48 3.46 -19.28
N VAL A 363 -54.40 2.83 -18.84
CA VAL A 363 -53.22 2.61 -19.68
C VAL A 363 -53.49 1.33 -20.47
N ARG A 364 -54.19 1.47 -21.59
CA ARG A 364 -54.60 0.31 -22.37
C ARG A 364 -53.54 -0.13 -23.37
N LEU A 365 -52.69 0.77 -23.83
CA LEU A 365 -51.72 0.41 -24.86
C LEU A 365 -50.64 -0.48 -24.26
N PRO A 366 -50.26 -1.57 -24.93
CA PRO A 366 -49.28 -2.49 -24.32
C PRO A 366 -47.93 -1.86 -24.09
N GLY A 367 -47.45 -1.05 -25.03
CA GLY A 367 -46.16 -0.40 -24.85
C GLY A 367 -46.14 0.49 -23.62
N HIS A 368 -47.22 1.23 -23.38
CA HIS A 368 -47.29 2.08 -22.20
C HIS A 368 -47.31 1.26 -20.92
N GLN A 369 -48.08 0.16 -20.92
CA GLN A 369 -48.06 -0.75 -19.78
C GLN A 369 -46.64 -1.23 -19.49
N LYS A 370 -45.94 -1.68 -20.55
CA LYS A 370 -44.59 -2.20 -20.39
C LYS A 370 -43.64 -1.14 -19.84
N ARG A 371 -43.73 0.08 -20.37
CA ARG A 371 -42.85 1.15 -19.91
C ARG A 371 -43.11 1.47 -18.45
N ILE A 372 -44.38 1.63 -18.08
CA ILE A 372 -44.71 1.94 -16.69
C ILE A 372 -44.24 0.83 -15.77
N ALA A 373 -44.39 -0.43 -16.20
CA ALA A 373 -43.99 -1.55 -15.36
C ALA A 373 -42.48 -1.56 -15.13
N TYR A 374 -41.70 -1.42 -16.22
CA TYR A 374 -40.25 -1.40 -16.06
C TYR A 374 -39.82 -0.24 -15.18
N SER A 375 -40.43 0.94 -15.36
CA SER A 375 -40.10 2.07 -14.50
C SER A 375 -40.45 1.76 -13.05
N LEU A 376 -41.59 1.12 -12.82
CA LEU A 376 -42.03 0.82 -11.46
C LEU A 376 -41.06 -0.14 -10.77
N LEU A 377 -40.50 -1.09 -11.54
CA LEU A 377 -39.55 -2.02 -10.95
C LEU A 377 -38.44 -1.29 -10.17
N GLY A 378 -37.96 -0.18 -10.72
CA GLY A 378 -36.87 0.54 -10.07
C GLY A 378 -37.26 1.12 -8.72
N LEU A 379 -38.45 1.71 -8.64
CA LEU A 379 -38.89 2.35 -7.41
C LEU A 379 -39.09 1.34 -6.27
#